data_8T5B
#
_entry.id   8T5B
#
_cell.length_a   61.954
_cell.length_b   69.984
_cell.length_c   63.858
_cell.angle_alpha   90.00
_cell.angle_beta   100.73
_cell.angle_gamma   90.00
#
_symmetry.space_group_name_H-M   'P 1 21 1'
#
loop_
_entity.id
_entity.type
_entity.pdbx_description
1 polymer Integrase
2 polymer Integrase
3 non-polymer '(2S)-tert-butoxy{4-(4-chlorophenyl)-2,6-dimethyl-1-[(1-methyl-1H-pyrazol-4-yl)methyl]-1H-pyrrolo[2,3-b]pyridin-5-yl}acetic acid'
4 non-polymer 'MAGNESIUM ION'
5 water water
#
loop_
_entity_poly.entity_id
_entity_poly.type
_entity_poly.pdbx_seq_one_letter_code
_entity_poly.pdbx_strand_id
1 'polypeptide(L)'
;SPGIWQLDCTHLEGKVILVAVHVASGYIEAEVIPAETGQETAYFLLKLAGRWPVKTVHTDNGSNFTSTTVKAACWWAGIK
QEFGIPYNPQSQGVIESMNKELKKIIGQVRDQAEHLKTAVQMAVFIHNKKRKGGIGGYSAGERIVDIIATDIQTK
;
A,B
2 'polypeptide(L)' QNFRVYYRDSRDPVWKGPAKLLEKGEGAVVIQDNSDIKVVPRRKAKIIRDYGKQMAG C,D
#
# COMPACT_ATOMS: atom_id res chain seq x y z
N SER A 1 0.46 -10.58 19.38
CA SER A 1 1.53 -11.10 18.49
C SER A 1 1.08 -11.03 17.02
N PRO A 2 -0.18 -11.41 16.68
CA PRO A 2 -0.66 -11.21 15.32
C PRO A 2 -0.77 -9.76 14.87
N GLY A 3 -0.48 -8.76 15.72
CA GLY A 3 -0.60 -7.36 15.35
C GLY A 3 0.62 -6.51 15.66
N ILE A 4 1.79 -7.15 15.78
CA ILE A 4 3.03 -6.45 16.10
C ILE A 4 3.81 -6.21 14.81
N TRP A 5 4.14 -4.95 14.54
CA TRP A 5 4.91 -4.55 13.37
C TRP A 5 6.13 -3.74 13.79
N GLN A 6 7.19 -3.81 12.99
CA GLN A 6 8.39 -3.01 13.16
C GLN A 6 8.55 -2.12 11.93
N LEU A 7 8.83 -0.84 12.15
CA LEU A 7 9.00 0.10 11.06
C LEU A 7 10.35 0.80 11.16
N ASP A 8 10.98 1.01 10.00
CA ASP A 8 12.23 1.74 9.95
C ASP A 8 12.43 2.26 8.52
N CYS A 9 13.38 3.18 8.37
CA CYS A 9 13.74 3.72 7.06
C CYS A 9 15.14 3.27 6.69
N THR A 10 15.31 2.92 5.41
CA THR A 10 16.61 2.63 4.83
C THR A 10 16.74 3.48 3.57
N HIS A 11 17.94 3.50 2.99
CA HIS A 11 18.23 4.40 1.90
C HIS A 11 18.94 3.68 0.76
N LEU A 12 18.54 4.00 -0.47
CA LEU A 12 19.17 3.49 -1.67
C LEU A 12 19.12 4.59 -2.73
N GLU A 13 20.22 4.75 -3.47
CA GLU A 13 20.26 5.67 -4.60
C GLU A 13 19.78 7.06 -4.21
N GLY A 14 20.10 7.47 -2.99
CA GLY A 14 19.74 8.78 -2.50
C GLY A 14 18.27 8.96 -2.23
N LYS A 15 17.51 7.88 -2.11
CA LYS A 15 16.08 7.95 -1.83
C LYS A 15 15.77 7.25 -0.51
N VAL A 16 14.60 7.56 0.04
CA VAL A 16 14.17 7.07 1.34
C VAL A 16 13.17 5.94 1.13
N ILE A 17 13.44 4.80 1.75
CA ILE A 17 12.56 3.65 1.69
C ILE A 17 12.01 3.42 3.10
N LEU A 18 10.68 3.53 3.24
CA LEU A 18 10.01 3.21 4.49
C LEU A 18 9.62 1.73 4.43
N VAL A 19 10.05 0.97 5.43
CA VAL A 19 9.88 -0.47 5.46
C VAL A 19 9.10 -0.85 6.72
N ALA A 20 8.14 -1.76 6.55
CA ALA A 20 7.34 -2.29 7.66
C ALA A 20 7.40 -3.81 7.61
N VAL A 21 7.61 -4.43 8.75
CA VAL A 21 7.74 -5.88 8.84
C VAL A 21 6.81 -6.40 9.92
N HIS A 22 5.98 -7.38 9.56
CA HIS A 22 5.17 -8.12 10.53
C HIS A 22 6.09 -9.11 11.22
N VAL A 23 6.43 -8.83 12.48
CA VAL A 23 7.50 -9.55 13.16
C VAL A 23 7.22 -11.05 13.17
N ALA A 24 5.98 -11.44 13.45
CA ALA A 24 5.68 -12.86 13.64
C ALA A 24 5.82 -13.66 12.34
N SER A 25 5.63 -13.00 11.19
CA SER A 25 5.59 -13.71 9.92
C SER A 25 6.78 -13.44 9.01
N GLY A 26 7.47 -12.33 9.17
CA GLY A 26 8.46 -11.90 8.21
C GLY A 26 7.88 -11.17 7.02
N TYR A 27 6.56 -11.08 6.92
CA TYR A 27 5.93 -10.34 5.86
C TYR A 27 6.33 -8.87 5.92
N ILE A 28 6.62 -8.29 4.76
CA ILE A 28 7.11 -6.92 4.70
C ILE A 28 6.27 -6.10 3.74
N GLU A 29 6.24 -4.80 3.99
CA GLU A 29 5.74 -3.80 3.06
C GLU A 29 6.76 -2.66 3.03
N ALA A 30 7.00 -2.14 1.83
CA ALA A 30 7.96 -1.05 1.67
C ALA A 30 7.44 -0.08 0.63
N GLU A 31 7.95 1.14 0.69
CA GLU A 31 7.54 2.19 -0.24
CA GLU A 31 7.53 2.19 -0.23
C GLU A 31 8.59 3.29 -0.23
N VAL A 32 8.96 3.76 -1.42
CA VAL A 32 9.85 4.90 -1.55
C VAL A 32 9.01 6.14 -1.25
N ILE A 33 9.40 6.89 -0.22
CA ILE A 33 8.64 8.06 0.18
C ILE A 33 9.39 9.32 -0.27
N PRO A 34 8.68 10.37 -0.70
CA PRO A 34 9.38 11.56 -1.21
C PRO A 34 10.30 12.21 -0.18
N ALA A 35 10.06 12.00 1.10
CA ALA A 35 10.88 12.59 2.15
C ALA A 35 10.69 11.82 3.45
N GLU A 36 11.76 11.75 4.25
CA GLU A 36 11.76 10.99 5.49
C GLU A 36 11.13 11.83 6.62
N THR A 37 9.85 12.10 6.44
CA THR A 37 9.11 13.01 7.32
C THR A 37 8.00 12.27 8.06
N GLY A 38 7.52 12.89 9.13
CA GLY A 38 6.40 12.31 9.86
C GLY A 38 5.14 12.23 9.03
N GLN A 39 4.88 13.26 8.21
CA GLN A 39 3.68 13.27 7.39
C GLN A 39 3.65 12.07 6.46
N GLU A 40 4.77 11.79 5.79
CA GLU A 40 4.83 10.62 4.90
C GLU A 40 4.68 9.34 5.71
N THR A 41 5.39 9.25 6.84
CA THR A 41 5.30 8.05 7.67
C THR A 41 3.88 7.85 8.19
N ALA A 42 3.21 8.93 8.60
CA ALA A 42 1.85 8.81 9.11
C ALA A 42 0.89 8.33 8.03
N TYR A 43 1.01 8.88 6.82
CA TYR A 43 0.16 8.43 5.72
C TYR A 43 0.43 6.96 5.40
N PHE A 44 1.71 6.56 5.40
CA PHE A 44 2.06 5.16 5.20
C PHE A 44 1.39 4.27 6.24
N LEU A 45 1.40 4.69 7.51
CA LEU A 45 0.86 3.86 8.59
C LEU A 45 -0.66 3.73 8.45
N LEU A 46 -1.35 4.83 8.16
CA LEU A 46 -2.79 4.76 7.96
C LEU A 46 -3.15 3.74 6.89
N LYS A 47 -2.41 3.74 5.77
CA LYS A 47 -2.66 2.77 4.71
C LYS A 47 -2.43 1.35 5.22
N LEU A 48 -1.30 1.12 5.88
CA LEU A 48 -1.02 -0.21 6.42
C LEU A 48 -2.11 -0.64 7.40
N ALA A 49 -2.50 0.26 8.32
CA ALA A 49 -3.48 -0.09 9.34
C ALA A 49 -4.83 -0.43 8.75
N GLY A 50 -5.17 0.12 7.58
CA GLY A 50 -6.40 -0.23 6.93
C GLY A 50 -6.37 -1.53 6.14
N ARG A 51 -5.17 -2.06 5.89
CA ARG A 51 -4.99 -3.31 5.16
CA ARG A 51 -5.02 -3.31 5.17
C ARG A 51 -4.79 -4.50 6.09
N TRP A 52 -3.95 -4.36 7.10
CA TRP A 52 -3.64 -5.41 8.04
C TRP A 52 -3.99 -4.99 9.46
N PRO A 53 -4.16 -5.93 10.37
CA PRO A 53 -4.31 -5.55 11.79
C PRO A 53 -2.99 -5.02 12.30
N VAL A 54 -2.94 -3.73 12.63
CA VAL A 54 -1.77 -3.09 13.19
C VAL A 54 -2.16 -2.62 14.59
N LYS A 55 -1.72 -3.36 15.61
CA LYS A 55 -2.06 -3.03 16.99
C LYS A 55 -0.90 -2.39 17.73
N THR A 56 0.33 -2.81 17.45
CA THR A 56 1.52 -2.23 18.07
C THR A 56 2.59 -2.07 17.01
N VAL A 57 3.20 -0.89 16.94
CA VAL A 57 4.27 -0.60 16.01
C VAL A 57 5.52 -0.26 16.81
N HIS A 58 6.63 -0.91 16.47
CA HIS A 58 7.92 -0.66 17.08
C HIS A 58 8.80 0.12 16.10
N THR A 59 9.35 1.23 16.57
CA THR A 59 10.24 2.06 15.75
C THR A 59 11.36 2.59 16.63
N ASP A 60 12.40 3.13 16.00
CA ASP A 60 13.43 3.85 16.73
C ASP A 60 12.90 5.26 16.98
N ASN A 61 13.78 6.17 17.41
CA ASN A 61 13.39 7.52 17.79
C ASN A 61 13.65 8.53 16.68
N GLY A 62 13.69 8.08 15.43
CA GLY A 62 13.80 9.01 14.33
C GLY A 62 12.69 10.04 14.36
N SER A 63 13.02 11.27 13.94
CA SER A 63 12.07 12.36 14.02
C SER A 63 10.76 12.04 13.31
N ASN A 64 10.82 11.29 12.22
CA ASN A 64 9.61 10.94 11.50
C ASN A 64 8.70 10.02 12.30
N PHE A 65 9.27 9.14 13.11
CA PHE A 65 8.47 8.21 13.90
C PHE A 65 7.98 8.85 15.20
N THR A 66 8.70 9.84 15.72
CA THR A 66 8.28 10.53 16.94
C THR A 66 7.35 11.70 16.64
N SER A 67 7.10 11.99 15.37
CA SER A 67 6.28 13.13 14.98
C SER A 67 4.87 13.03 15.55
N THR A 68 4.28 14.19 15.83
CA THR A 68 2.88 14.22 16.26
C THR A 68 1.97 13.69 15.16
N THR A 69 2.40 13.78 13.89
CA THR A 69 1.57 13.25 12.81
C THR A 69 1.41 11.75 12.93
N VAL A 70 2.47 11.05 13.35
CA VAL A 70 2.38 9.61 13.53
C VAL A 70 1.59 9.28 14.80
N LYS A 71 1.84 10.02 15.89
CA LYS A 71 1.05 9.81 17.09
C LYS A 71 -0.43 10.02 16.83
N ALA A 72 -0.76 11.01 15.99
CA ALA A 72 -2.16 11.23 15.62
C ALA A 72 -2.74 10.02 14.91
N ALA A 73 -2.01 9.49 13.93
CA ALA A 73 -2.46 8.31 13.20
C ALA A 73 -2.71 7.15 14.14
N CYS A 74 -1.76 6.89 15.05
CA CYS A 74 -1.91 5.78 15.98
C CYS A 74 -3.13 5.97 16.87
N TRP A 75 -3.36 7.20 17.34
CA TRP A 75 -4.53 7.46 18.17
C TRP A 75 -5.81 7.21 17.38
N TRP A 76 -5.88 7.72 16.15
CA TRP A 76 -7.08 7.55 15.34
C TRP A 76 -7.36 6.08 15.10
N ALA A 77 -6.31 5.29 14.81
CA ALA A 77 -6.47 3.90 14.41
C ALA A 77 -6.41 2.92 15.59
N GLY A 78 -6.01 3.37 16.77
CA GLY A 78 -5.88 2.47 17.91
C GLY A 78 -4.61 1.66 17.91
N ILE A 79 -3.49 2.28 17.57
CA ILE A 79 -2.20 1.60 17.48
C ILE A 79 -1.35 2.03 18.67
N LYS A 80 -0.72 1.06 19.33
CA LYS A 80 0.19 1.37 20.42
C LYS A 80 1.59 1.53 19.84
N GLN A 81 2.24 2.65 20.16
CA GLN A 81 3.59 2.92 19.69
C GLN A 81 4.59 2.53 20.76
N GLU A 82 5.62 1.78 20.37
CA GLU A 82 6.69 1.37 21.27
C GLU A 82 8.00 1.84 20.67
N PHE A 83 8.63 2.81 21.32
CA PHE A 83 9.88 3.38 20.84
C PHE A 83 11.05 2.60 21.45
N GLY A 84 12.04 2.33 20.62
CA GLY A 84 13.22 1.61 21.09
C GLY A 84 13.97 2.43 22.13
N ILE A 85 14.88 1.74 22.81
CA ILE A 85 15.75 2.36 23.80
C ILE A 85 17.01 2.83 23.09
N PRO A 86 17.38 4.10 23.17
CA PRO A 86 18.59 4.57 22.48
C PRO A 86 19.81 3.72 22.84
N TYR A 87 20.56 3.33 21.81
CA TYR A 87 21.80 2.57 21.98
C TYR A 87 21.51 1.11 22.34
N ASN A 88 20.51 0.52 21.70
CA ASN A 88 20.20 -0.89 21.89
C ASN A 88 20.13 -1.55 20.51
N GLY A 93 16.40 -4.90 15.24
CA GLY A 93 17.14 -6.03 14.75
C GLY A 93 16.41 -6.79 13.66
N VAL A 94 15.18 -7.21 13.95
CA VAL A 94 14.40 -7.96 12.98
C VAL A 94 14.22 -7.16 11.70
N ILE A 95 14.01 -5.85 11.82
CA ILE A 95 13.78 -5.01 10.64
C ILE A 95 15.09 -4.67 9.95
N GLU A 96 16.16 -4.47 10.74
CA GLU A 96 17.46 -4.21 10.12
C GLU A 96 17.89 -5.38 9.26
N SER A 97 17.57 -6.61 9.70
CA SER A 97 17.79 -7.77 8.86
C SER A 97 16.93 -7.74 7.59
N MET A 98 15.73 -7.18 7.69
CA MET A 98 14.85 -7.10 6.53
C MET A 98 15.31 -5.99 5.59
N ASN A 99 15.75 -4.87 6.16
CA ASN A 99 16.32 -3.81 5.34
C ASN A 99 17.49 -4.34 4.53
N LYS A 100 18.26 -5.26 5.11
CA LYS A 100 19.37 -5.87 4.38
C LYS A 100 18.88 -6.84 3.32
N GLU A 101 17.91 -7.69 3.66
CA GLU A 101 17.41 -8.67 2.69
C GLU A 101 16.58 -7.99 1.61
N LEU A 102 15.92 -6.88 1.93
CA LEU A 102 15.20 -6.14 0.91
C LEU A 102 16.15 -5.52 -0.10
N LYS A 103 17.28 -4.98 0.38
CA LYS A 103 18.28 -4.44 -0.55
C LYS A 103 18.94 -5.55 -1.36
N LYS A 104 19.11 -6.74 -0.78
CA LYS A 104 19.62 -7.86 -1.55
C LYS A 104 18.71 -8.16 -2.73
N ILE A 105 17.41 -8.35 -2.47
CA ILE A 105 16.47 -8.64 -3.53
C ILE A 105 16.41 -7.49 -4.53
N ILE A 106 16.43 -6.25 -4.02
CA ILE A 106 16.39 -5.08 -4.90
C ILE A 106 17.53 -5.13 -5.91
N GLY A 107 18.74 -5.44 -5.43
CA GLY A 107 19.88 -5.52 -6.33
C GLY A 107 19.71 -6.59 -7.38
N GLN A 108 19.12 -7.73 -7.01
CA GLN A 108 18.97 -8.84 -7.95
C GLN A 108 18.06 -8.47 -9.12
N VAL A 109 17.06 -7.61 -8.88
CA VAL A 109 16.04 -7.31 -9.86
C VAL A 109 16.12 -5.86 -10.35
N ARG A 110 17.15 -5.11 -9.94
CA ARG A 110 17.19 -3.69 -10.25
C ARG A 110 17.14 -3.44 -11.75
N ASP A 111 17.82 -4.28 -12.54
CA ASP A 111 17.85 -4.08 -13.98
C ASP A 111 16.50 -4.31 -14.64
N GLN A 112 15.51 -4.79 -13.90
CA GLN A 112 14.18 -5.05 -14.45
C GLN A 112 13.30 -3.81 -14.44
N ALA A 113 13.78 -2.68 -13.94
CA ALA A 113 12.97 -1.48 -13.83
C ALA A 113 13.84 -0.24 -13.91
N GLU A 114 13.27 0.84 -14.44
N GLU A 114 13.27 0.83 -14.46
CA GLU A 114 13.98 2.12 -14.46
CA GLU A 114 13.97 2.12 -14.47
C GLU A 114 14.03 2.75 -13.08
C GLU A 114 14.04 2.70 -13.06
N HIS A 115 12.88 2.85 -12.41
CA HIS A 115 12.79 3.53 -11.13
C HIS A 115 13.04 2.58 -9.97
N LEU A 116 13.69 3.10 -8.93
CA LEU A 116 13.91 2.31 -7.73
C LEU A 116 12.60 1.85 -7.11
N LYS A 117 11.58 2.72 -7.09
CA LYS A 117 10.32 2.37 -6.46
C LYS A 117 9.71 1.13 -7.11
N THR A 118 9.87 1.00 -8.43
CA THR A 118 9.39 -0.19 -9.12
C THR A 118 10.16 -1.42 -8.65
N ALA A 119 11.49 -1.31 -8.57
CA ALA A 119 12.30 -2.42 -8.07
C ALA A 119 11.94 -2.76 -6.63
N VAL A 120 11.67 -1.74 -5.81
CA VAL A 120 11.31 -1.98 -4.42
C VAL A 120 10.06 -2.84 -4.33
N GLN A 121 9.03 -2.50 -5.10
CA GLN A 121 7.80 -3.29 -5.07
C GLN A 121 8.02 -4.67 -5.65
N MET A 122 8.88 -4.80 -6.66
CA MET A 122 9.26 -6.12 -7.15
C MET A 122 9.92 -6.94 -6.03
N ALA A 123 10.77 -6.29 -5.24
CA ALA A 123 11.45 -7.00 -4.16
C ALA A 123 10.46 -7.39 -3.06
N VAL A 124 9.51 -6.50 -2.74
CA VAL A 124 8.48 -6.84 -1.76
C VAL A 124 7.66 -8.02 -2.25
N PHE A 125 7.25 -7.99 -3.52
CA PHE A 125 6.55 -9.12 -4.12
C PHE A 125 7.33 -10.41 -3.93
N ILE A 126 8.61 -10.41 -4.31
CA ILE A 126 9.40 -11.63 -4.28
C ILE A 126 9.58 -12.12 -2.85
N HIS A 127 9.81 -11.19 -1.91
CA HIS A 127 10.05 -11.61 -0.53
C HIS A 127 8.82 -12.26 0.08
N ASN A 128 7.64 -11.69 -0.18
CA ASN A 128 6.42 -12.17 0.47
C ASN A 128 5.90 -13.46 -0.14
N LYS A 129 6.27 -13.77 -1.37
CA LYS A 129 5.73 -14.91 -2.10
C LYS A 129 6.74 -16.04 -2.26
N LYS A 130 7.98 -15.86 -1.80
CA LYS A 130 9.04 -16.81 -2.09
C LYS A 130 8.71 -18.23 -1.67
N ARG A 131 8.65 -18.48 -0.36
CA ARG A 131 8.47 -19.81 0.24
C ARG A 131 9.81 -20.26 0.82
N LYS A 132 9.83 -20.58 2.11
CA LYS A 132 11.06 -20.90 2.82
C LYS A 132 11.70 -22.20 2.34
N GLY A 133 11.21 -23.33 2.83
CA GLY A 133 11.88 -24.59 2.55
C GLY A 133 12.05 -24.81 1.06
N GLY A 134 11.17 -24.24 0.26
CA GLY A 134 11.13 -24.49 -1.16
C GLY A 134 10.19 -25.63 -1.48
N ILE A 135 9.20 -25.38 -2.33
CA ILE A 135 8.28 -26.41 -2.77
C ILE A 135 7.36 -26.77 -1.61
N GLY A 136 7.92 -27.34 -0.55
CA GLY A 136 7.13 -27.72 0.60
C GLY A 136 7.14 -26.73 1.74
N GLY A 137 7.79 -25.58 1.57
CA GLY A 137 7.80 -24.52 2.55
C GLY A 137 6.57 -23.65 2.43
N TYR A 138 6.53 -22.61 3.25
CA TYR A 138 5.47 -21.60 3.17
C TYR A 138 6.12 -20.24 3.00
N SER A 139 5.37 -19.32 2.39
CA SER A 139 5.83 -17.96 2.19
C SER A 139 5.43 -17.06 3.34
N ALA A 140 6.10 -15.91 3.43
CA ALA A 140 5.74 -14.92 4.43
C ALA A 140 4.31 -14.45 4.25
N GLY A 141 3.87 -14.30 3.00
CA GLY A 141 2.49 -13.92 2.75
C GLY A 141 1.50 -14.95 3.27
N GLU A 142 1.85 -16.24 3.14
CA GLU A 142 0.98 -17.28 3.65
C GLU A 142 1.02 -17.34 5.18
N ARG A 143 2.19 -17.12 5.78
CA ARG A 143 2.30 -17.20 7.23
C ARG A 143 1.47 -16.11 7.92
N ILE A 144 1.57 -14.87 7.44
CA ILE A 144 0.80 -13.80 8.07
C ILE A 144 -0.69 -14.07 7.91
N VAL A 145 -1.11 -14.56 6.74
CA VAL A 145 -2.52 -14.89 6.54
C VAL A 145 -2.94 -15.98 7.51
N ASP A 146 -2.07 -16.97 7.73
CA ASP A 146 -2.38 -18.02 8.69
C ASP A 146 -2.49 -17.46 10.10
N ILE A 147 -1.52 -16.64 10.50
CA ILE A 147 -1.52 -16.06 11.84
C ILE A 147 -2.80 -15.27 12.09
N ILE A 148 -3.16 -14.40 11.13
CA ILE A 148 -4.38 -13.60 11.31
C ILE A 148 -5.60 -14.51 11.29
N ALA A 149 -5.64 -15.47 10.37
CA ALA A 149 -6.79 -16.35 10.26
C ALA A 149 -7.03 -17.10 11.57
N THR A 150 -5.98 -17.69 12.14
CA THR A 150 -6.14 -18.42 13.40
C THR A 150 -6.56 -17.48 14.52
N ASP A 151 -6.04 -16.25 14.51
CA ASP A 151 -6.43 -15.27 15.52
C ASP A 151 -7.91 -14.91 15.37
N ILE A 152 -8.40 -14.85 14.13
CA ILE A 152 -9.81 -14.54 13.90
C ILE A 152 -10.70 -15.64 14.45
N GLN A 153 -10.29 -16.90 14.28
CA GLN A 153 -11.11 -18.02 14.73
C GLN A 153 -11.27 -18.02 16.24
N THR A 154 -10.29 -17.51 16.97
CA THR A 154 -10.37 -17.42 18.42
C THR A 154 -10.86 -16.05 18.85
N SER B 1 -12.93 -16.86 -7.07
CA SER B 1 -11.61 -17.34 -6.58
C SER B 1 -11.02 -16.32 -5.60
N PRO B 2 -10.05 -16.71 -4.75
CA PRO B 2 -9.37 -15.75 -3.88
C PRO B 2 -8.44 -14.78 -4.59
N GLY B 3 -8.38 -14.81 -5.93
CA GLY B 3 -7.48 -13.94 -6.71
C GLY B 3 -8.21 -12.97 -7.59
N ILE B 4 -9.54 -12.94 -7.57
CA ILE B 4 -10.29 -12.06 -8.50
C ILE B 4 -10.46 -10.67 -7.90
N TRP B 5 -10.00 -9.63 -8.58
CA TRP B 5 -10.16 -8.25 -8.16
C TRP B 5 -10.81 -7.44 -9.28
N GLN B 6 -11.54 -6.40 -8.88
CA GLN B 6 -12.08 -5.40 -9.79
C GLN B 6 -11.44 -4.06 -9.49
N LEU B 7 -11.01 -3.36 -10.53
CA LEU B 7 -10.36 -2.06 -10.41
C LEU B 7 -11.09 -1.04 -11.26
N ASP B 8 -11.17 0.18 -10.74
CA ASP B 8 -11.77 1.30 -11.46
C ASP B 8 -11.24 2.59 -10.86
N CYS B 9 -11.48 3.69 -11.56
CA CYS B 9 -11.14 5.02 -11.09
C CYS B 9 -12.41 5.80 -10.81
N THR B 10 -12.40 6.56 -9.72
CA THR B 10 -13.47 7.50 -9.39
C THR B 10 -12.84 8.85 -9.08
N HIS B 11 -13.69 9.86 -8.93
CA HIS B 11 -13.24 11.24 -8.80
C HIS B 11 -13.99 11.95 -7.68
N LEU B 12 -13.25 12.74 -6.90
CA LEU B 12 -13.83 13.57 -5.85
C LEU B 12 -13.08 14.89 -5.80
CA GLU B 13 -12.29 17.69 -5.20
C GLU B 13 -11.27 17.68 -6.35
N GLY B 14 -11.70 17.20 -7.51
CA GLY B 14 -10.85 17.25 -8.68
C GLY B 14 -9.65 16.34 -8.67
N LYS B 15 -9.65 15.30 -7.84
CA LYS B 15 -8.54 14.37 -7.75
C LYS B 15 -9.01 12.98 -8.20
N VAL B 16 -8.03 12.14 -8.53
CA VAL B 16 -8.28 10.82 -9.07
C VAL B 16 -8.06 9.78 -7.99
N ILE B 17 -9.06 8.92 -7.77
CA ILE B 17 -9.00 7.84 -6.80
C ILE B 17 -9.02 6.52 -7.55
N LEU B 18 -7.95 5.74 -7.44
CA LEU B 18 -7.91 4.39 -7.98
C LEU B 18 -8.39 3.42 -6.91
N VAL B 19 -9.40 2.61 -7.25
CA VAL B 19 -10.05 1.72 -6.30
C VAL B 19 -9.92 0.29 -6.77
N ALA B 20 -9.62 -0.61 -5.82
CA ALA B 20 -9.54 -2.04 -6.08
C ALA B 20 -10.41 -2.77 -5.06
N VAL B 21 -11.19 -3.74 -5.54
CA VAL B 21 -12.11 -4.48 -4.69
C VAL B 21 -11.89 -5.97 -4.89
N HIS B 22 -11.67 -6.69 -3.80
CA HIS B 22 -11.63 -8.15 -3.81
C HIS B 22 -13.06 -8.65 -3.87
N VAL B 23 -13.47 -9.15 -5.04
CA VAL B 23 -14.89 -9.40 -5.31
C VAL B 23 -15.50 -10.32 -4.26
N ALA B 24 -14.78 -11.39 -3.90
CA ALA B 24 -15.37 -12.41 -3.05
C ALA B 24 -15.61 -11.92 -1.63
N SER B 25 -14.83 -10.94 -1.17
CA SER B 25 -14.87 -10.50 0.22
C SER B 25 -15.46 -9.12 0.44
N GLY B 26 -15.45 -8.26 -0.58
CA GLY B 26 -15.79 -6.86 -0.39
C GLY B 26 -14.66 -6.00 0.11
N TYR B 27 -13.53 -6.61 0.46
CA TYR B 27 -12.35 -5.86 0.87
C TYR B 27 -11.89 -4.95 -0.26
N ILE B 28 -11.51 -3.73 0.10
CA ILE B 28 -11.11 -2.73 -0.89
C ILE B 28 -9.76 -2.13 -0.54
N GLU B 29 -9.07 -1.66 -1.57
CA GLU B 29 -7.90 -0.82 -1.43
C GLU B 29 -8.05 0.34 -2.40
N ALA B 30 -7.72 1.54 -1.95
CA ALA B 30 -7.84 2.73 -2.79
C ALA B 30 -6.69 3.68 -2.49
N GLU B 31 -6.50 4.63 -3.40
CA GLU B 31 -5.39 5.56 -3.30
C GLU B 31 -5.62 6.72 -4.25
N VAL B 32 -5.26 7.92 -3.81
CA VAL B 32 -5.31 9.09 -4.68
C VAL B 32 -4.01 9.11 -5.50
N ILE B 33 -4.15 9.05 -6.81
CA ILE B 33 -2.98 9.02 -7.70
C ILE B 33 -2.82 10.37 -8.36
N PRO B 34 -1.59 10.86 -8.56
CA PRO B 34 -1.42 12.22 -9.11
C PRO B 34 -2.05 12.41 -10.48
N ALA B 35 -2.27 11.34 -11.24
CA ALA B 35 -2.86 11.42 -12.56
C ALA B 35 -3.43 10.06 -12.94
N GLU B 36 -4.50 10.08 -13.73
CA GLU B 36 -5.19 8.86 -14.14
C GLU B 36 -4.47 8.22 -15.34
N THR B 37 -3.24 7.77 -15.08
CA THR B 37 -2.37 7.27 -16.13
C THR B 37 -2.04 5.79 -15.91
N GLY B 38 -1.56 5.16 -16.98
CA GLY B 38 -1.15 3.78 -16.89
C GLY B 38 0.03 3.57 -15.96
N GLN B 39 0.98 4.50 -15.96
CA GLN B 39 2.14 4.36 -15.08
C GLN B 39 1.72 4.29 -13.62
N GLU B 40 0.83 5.19 -13.20
CA GLU B 40 0.36 5.17 -11.82
C GLU B 40 -0.45 3.90 -11.54
N THR B 41 -1.34 3.52 -12.46
CA THR B 41 -2.12 2.30 -12.28
C THR B 41 -1.21 1.08 -12.21
N ALA B 42 -0.17 1.04 -13.05
CA ALA B 42 0.75 -0.10 -13.04
C ALA B 42 1.50 -0.18 -11.72
N TYR B 43 1.98 0.95 -11.21
CA TYR B 43 2.65 0.95 -9.91
C TYR B 43 1.69 0.54 -8.81
N PHE B 44 0.45 1.04 -8.85
CA PHE B 44 -0.57 0.61 -7.90
C PHE B 44 -0.77 -0.90 -7.97
N LEU B 45 -0.83 -1.44 -9.19
CA LEU B 45 -1.11 -2.86 -9.35
C LEU B 45 0.05 -3.71 -8.83
N LEU B 46 1.28 -3.31 -9.13
CA LEU B 46 2.44 -4.05 -8.62
C LEU B 46 2.40 -4.12 -7.10
N LYS B 47 2.08 -3.01 -6.44
CA LYS B 47 1.99 -3.01 -4.98
C LYS B 47 0.93 -3.99 -4.50
N LEU B 48 -0.28 -3.90 -5.07
CA LEU B 48 -1.37 -4.79 -4.66
C LEU B 48 -0.97 -6.25 -4.81
N ALA B 49 -0.42 -6.63 -5.97
CA ALA B 49 -0.07 -8.01 -6.23
C ALA B 49 0.99 -8.52 -5.27
N GLY B 50 1.80 -7.63 -4.71
CA GLY B 50 2.79 -8.04 -3.73
C GLY B 50 2.25 -8.21 -2.33
N ARG B 51 1.06 -7.67 -2.06
CA ARG B 51 0.43 -7.78 -0.75
C ARG B 51 -0.60 -8.90 -0.69
N TRP B 52 -1.37 -9.09 -1.75
CA TRP B 52 -2.46 -10.05 -1.83
C TRP B 52 -2.26 -10.93 -3.05
N PRO B 53 -2.91 -12.09 -3.09
CA PRO B 53 -2.92 -12.87 -4.33
C PRO B 53 -3.80 -12.21 -5.39
N VAL B 54 -3.17 -11.72 -6.45
CA VAL B 54 -3.88 -11.09 -7.56
C VAL B 54 -3.62 -11.94 -8.79
N LYS B 55 -4.63 -12.72 -9.19
CA LYS B 55 -4.54 -13.59 -10.35
C LYS B 55 -5.31 -13.05 -11.56
N THR B 56 -6.46 -12.42 -11.31
CA THR B 56 -7.27 -11.85 -12.38
C THR B 56 -7.78 -10.50 -11.92
N VAL B 57 -7.67 -9.50 -12.79
CA VAL B 57 -8.17 -8.15 -12.53
C VAL B 57 -9.22 -7.82 -13.58
N HIS B 58 -10.37 -7.33 -13.13
CA HIS B 58 -11.44 -6.89 -14.01
C HIS B 58 -11.47 -5.37 -14.03
N THR B 59 -11.45 -4.79 -15.23
CA THR B 59 -11.50 -3.34 -15.39
C THR B 59 -12.33 -3.01 -16.62
N ASP B 60 -12.69 -1.72 -16.73
CA ASP B 60 -13.31 -1.22 -17.95
C ASP B 60 -12.22 -0.92 -18.97
N ASN B 61 -12.56 -0.21 -20.04
CA ASN B 61 -11.65 0.05 -21.15
C ASN B 61 -10.95 1.40 -21.04
N GLY B 62 -10.83 1.94 -19.83
CA GLY B 62 -10.08 3.18 -19.66
C GLY B 62 -8.65 3.02 -20.15
N SER B 63 -8.12 4.10 -20.72
CA SER B 63 -6.77 4.06 -21.29
C SER B 63 -5.73 3.65 -20.24
N ASN B 64 -5.94 4.05 -18.99
CA ASN B 64 -4.97 3.71 -17.96
C ASN B 64 -4.90 2.21 -17.71
N PHE B 65 -6.02 1.50 -17.85
CA PHE B 65 -6.04 0.07 -17.61
C PHE B 65 -5.57 -0.72 -18.82
N THR B 66 -5.74 -0.17 -20.02
CA THR B 66 -5.28 -0.81 -21.24
C THR B 66 -3.85 -0.43 -21.60
N SER B 67 -3.22 0.44 -20.83
CA SER B 67 -1.87 0.90 -21.14
C SER B 67 -0.89 -0.26 -21.17
N THR B 68 0.16 -0.11 -21.99
CA THR B 68 1.21 -1.14 -22.02
C THR B 68 1.89 -1.29 -20.67
N THR B 69 1.92 -0.22 -19.86
CA THR B 69 2.54 -0.30 -18.55
C THR B 69 1.80 -1.29 -17.65
N VAL B 70 0.47 -1.32 -17.73
CA VAL B 70 -0.29 -2.26 -16.94
C VAL B 70 -0.13 -3.67 -17.49
N LYS B 71 -0.14 -3.81 -18.82
CA LYS B 71 0.10 -5.11 -19.42
C LYS B 71 1.46 -5.66 -19.00
N ALA B 72 2.47 -4.79 -18.91
CA ALA B 72 3.78 -5.22 -18.45
C ALA B 72 3.73 -5.73 -17.02
N ALA B 73 3.09 -4.95 -16.14
CA ALA B 73 2.98 -5.36 -14.74
C ALA B 73 2.27 -6.71 -14.64
N CYS B 74 1.16 -6.87 -15.35
CA CYS B 74 0.42 -8.12 -15.30
C CYS B 74 1.27 -9.29 -15.78
N TRP B 75 2.04 -9.09 -16.84
CA TRP B 75 2.94 -10.13 -17.34
C TRP B 75 3.99 -10.49 -16.29
N TRP B 76 4.61 -9.47 -15.69
CA TRP B 76 5.65 -9.73 -14.71
C TRP B 76 5.10 -10.48 -13.49
N ALA B 77 3.91 -10.12 -13.05
CA ALA B 77 3.34 -10.67 -11.83
C ALA B 77 2.45 -11.89 -12.08
N GLY B 78 2.11 -12.17 -13.34
CA GLY B 78 1.25 -13.29 -13.64
C GLY B 78 -0.23 -13.02 -13.44
N ILE B 79 -0.70 -11.83 -13.84
CA ILE B 79 -2.08 -11.42 -13.66
C ILE B 79 -2.77 -11.46 -15.00
N LYS B 80 -3.95 -12.07 -15.04
CA LYS B 80 -4.79 -12.11 -16.23
C LYS B 80 -5.77 -10.94 -16.20
N GLN B 81 -5.82 -10.18 -17.29
CA GLN B 81 -6.67 -9.01 -17.40
C GLN B 81 -7.97 -9.36 -18.12
N GLU B 82 -9.09 -8.92 -17.55
CA GLU B 82 -10.43 -9.13 -18.11
C GLU B 82 -11.09 -7.78 -18.25
N PHE B 83 -11.33 -7.35 -19.49
CA PHE B 83 -11.97 -6.07 -19.75
C PHE B 83 -13.48 -6.20 -19.89
N GLY B 84 -14.06 -7.30 -19.44
CA GLY B 84 -15.49 -7.50 -19.49
C GLY B 84 -16.27 -6.53 -18.62
N GLN B 92 -21.08 -7.89 -13.05
CA GLN B 92 -21.53 -7.60 -11.69
C GLN B 92 -21.13 -6.18 -11.28
N GLY B 93 -22.02 -5.51 -10.54
CA GLY B 93 -21.76 -4.16 -10.09
C GLY B 93 -21.04 -4.13 -8.75
N VAL B 94 -20.21 -5.14 -8.49
CA VAL B 94 -19.51 -5.20 -7.21
C VAL B 94 -18.66 -3.95 -7.01
N ILE B 95 -18.06 -3.43 -8.07
CA ILE B 95 -17.18 -2.28 -7.94
C ILE B 95 -17.98 -0.98 -7.83
N GLU B 96 -19.07 -0.85 -8.60
CA GLU B 96 -19.89 0.34 -8.48
C GLU B 96 -20.57 0.42 -7.12
N SER B 97 -20.95 -0.74 -6.57
CA SER B 97 -21.48 -0.75 -5.21
C SER B 97 -20.44 -0.28 -4.20
N MET B 98 -19.17 -0.60 -4.44
CA MET B 98 -18.11 -0.21 -3.52
C MET B 98 -17.65 1.24 -3.71
N ASN B 99 -17.48 1.70 -4.95
CA ASN B 99 -17.06 3.08 -5.16
C ASN B 99 -18.03 4.07 -4.53
N LYS B 100 -19.32 3.76 -4.55
CA LYS B 100 -20.29 4.64 -3.90
C LYS B 100 -20.14 4.56 -2.38
N GLU B 101 -19.91 3.37 -1.85
CA GLU B 101 -19.75 3.22 -0.40
C GLU B 101 -18.48 3.90 0.08
N LEU B 102 -17.45 3.93 -0.77
CA LEU B 102 -16.23 4.65 -0.44
C LEU B 102 -16.50 6.15 -0.38
N LYS B 103 -17.31 6.66 -1.31
CA LYS B 103 -17.63 8.08 -1.34
C LYS B 103 -18.47 8.48 -0.14
N LYS B 104 -19.40 7.61 0.27
CA LYS B 104 -20.20 7.88 1.46
C LYS B 104 -19.31 8.00 2.69
N ILE B 105 -18.47 7.00 2.93
CA ILE B 105 -17.61 7.02 4.12
C ILE B 105 -16.68 8.22 4.08
N ILE B 106 -16.13 8.54 2.91
CA ILE B 106 -15.25 9.70 2.81
C ILE B 106 -15.97 10.95 3.29
N GLY B 107 -17.23 11.14 2.85
CA GLY B 107 -17.98 12.30 3.29
C GLY B 107 -18.22 12.31 4.79
N GLN B 108 -18.48 11.14 5.38
CA GLN B 108 -18.74 11.09 6.81
C GLN B 108 -17.51 11.50 7.62
N VAL B 109 -16.32 11.25 7.09
CA VAL B 109 -15.08 11.47 7.83
C VAL B 109 -14.27 12.62 7.24
N ARG B 110 -14.80 13.33 6.25
CA ARG B 110 -14.01 14.33 5.53
C ARG B 110 -13.46 15.39 6.49
N ASP B 111 -14.26 15.82 7.46
CA ASP B 111 -13.83 16.87 8.36
C ASP B 111 -12.71 16.43 9.29
N GLN B 112 -12.38 15.14 9.33
CA GLN B 112 -11.33 14.63 10.19
C GLN B 112 -9.95 14.73 9.56
N ALA B 113 -9.83 15.27 8.35
CA ALA B 113 -8.54 15.32 7.69
C ALA B 113 -8.53 16.51 6.72
N GLU B 114 -7.37 17.16 6.61
CA GLU B 114 -7.22 18.23 5.65
C GLU B 114 -7.24 17.70 4.22
N HIS B 115 -6.34 16.78 3.91
CA HIS B 115 -6.18 16.28 2.55
C HIS B 115 -7.19 15.17 2.25
N LEU B 116 -7.64 15.15 1.00
CA LEU B 116 -8.55 14.09 0.57
C LEU B 116 -7.90 12.71 0.71
N LYS B 117 -6.63 12.60 0.34
CA LYS B 117 -5.95 11.30 0.39
C LYS B 117 -5.97 10.74 1.80
N THR B 118 -5.86 11.61 2.81
CA THR B 118 -5.98 11.17 4.19
C THR B 118 -7.38 10.63 4.47
N ALA B 119 -8.41 11.38 4.02
CA ALA B 119 -9.78 10.92 4.20
C ALA B 119 -10.02 9.60 3.47
N VAL B 120 -9.42 9.45 2.29
CA VAL B 120 -9.60 8.21 1.53
C VAL B 120 -9.13 7.01 2.35
N GLN B 121 -7.93 7.11 2.94
CA GLN B 121 -7.40 6.00 3.71
C GLN B 121 -8.21 5.75 4.98
N MET B 122 -8.74 6.80 5.60
CA MET B 122 -9.66 6.62 6.71
C MET B 122 -10.88 5.82 6.27
N ALA B 123 -11.40 6.12 5.08
CA ALA B 123 -12.59 5.42 4.60
C ALA B 123 -12.27 3.96 4.29
N VAL B 124 -11.10 3.69 3.70
CA VAL B 124 -10.71 2.31 3.44
C VAL B 124 -10.58 1.56 4.76
N PHE B 125 -9.92 2.18 5.74
CA PHE B 125 -9.82 1.60 7.07
C PHE B 125 -11.19 1.21 7.61
N ILE B 126 -12.12 2.18 7.60
CA ILE B 126 -13.43 1.95 8.22
C ILE B 126 -14.18 0.85 7.46
N HIS B 127 -14.09 0.85 6.13
CA HIS B 127 -14.85 -0.12 5.36
C HIS B 127 -14.34 -1.54 5.59
N ASN B 128 -13.02 -1.72 5.67
CA ASN B 128 -12.48 -3.07 5.80
C ASN B 128 -12.56 -3.61 7.22
N LYS B 129 -12.67 -2.76 8.24
CA LYS B 129 -12.58 -3.19 9.63
C LYS B 129 -13.91 -3.16 10.37
N LYS B 130 -14.98 -2.67 9.74
CA LYS B 130 -16.24 -2.42 10.45
C LYS B 130 -16.75 -3.67 11.15
N ARG B 131 -17.18 -4.67 10.37
CA ARG B 131 -17.78 -5.91 10.85
C ARG B 131 -19.29 -5.88 10.72
N LYS B 132 -19.88 -6.94 10.15
CA LYS B 132 -21.32 -6.99 9.95
C LYS B 132 -21.97 -7.28 11.30
N GLY B 133 -23.04 -6.55 11.62
CA GLY B 133 -23.58 -6.57 12.97
C GLY B 133 -24.07 -7.91 13.50
N GLY B 134 -24.56 -8.78 12.63
CA GLY B 134 -25.25 -9.98 13.11
C GLY B 134 -24.45 -10.98 13.93
N ILE B 135 -25.14 -12.03 14.41
CA ILE B 135 -24.44 -13.15 15.03
C ILE B 135 -23.45 -13.71 14.01
N GLY B 136 -22.23 -14.01 14.46
CA GLY B 136 -21.28 -14.54 13.52
C GLY B 136 -20.81 -13.55 12.48
N GLY B 137 -21.03 -12.25 12.69
CA GLY B 137 -20.64 -11.29 11.68
C GLY B 137 -19.14 -11.07 11.64
N TYR B 138 -18.66 -10.79 10.44
CA TYR B 138 -17.25 -10.55 10.17
C TYR B 138 -17.08 -9.27 9.38
N SER B 139 -15.86 -8.75 9.40
CA SER B 139 -15.49 -7.60 8.60
C SER B 139 -15.00 -8.06 7.23
N ALA B 140 -14.96 -7.12 6.28
CA ALA B 140 -14.42 -7.44 4.97
C ALA B 140 -12.96 -7.89 5.07
N GLY B 141 -12.18 -7.24 5.93
CA GLY B 141 -10.79 -7.64 6.11
C GLY B 141 -10.67 -9.07 6.59
N GLU B 142 -11.60 -9.50 7.45
CA GLU B 142 -11.59 -10.87 7.95
C GLU B 142 -12.01 -11.85 6.86
N ARG B 143 -12.97 -11.46 6.03
CA ARG B 143 -13.44 -12.37 4.98
C ARG B 143 -12.33 -12.68 3.99
N ILE B 144 -11.60 -11.65 3.53
CA ILE B 144 -10.54 -11.90 2.57
C ILE B 144 -9.45 -12.78 3.18
N VAL B 145 -9.09 -12.52 4.45
CA VAL B 145 -8.10 -13.36 5.10
C VAL B 145 -8.60 -14.80 5.20
N ASP B 146 -9.87 -14.97 5.54
CA ASP B 146 -10.45 -16.31 5.63
C ASP B 146 -10.44 -16.99 4.26
N ILE B 147 -10.88 -16.27 3.23
CA ILE B 147 -10.91 -16.84 1.89
C ILE B 147 -9.51 -17.30 1.47
N ILE B 148 -8.51 -16.44 1.67
CA ILE B 148 -7.14 -16.81 1.31
C ILE B 148 -6.63 -17.94 2.19
N ALA B 149 -6.91 -17.88 3.49
CA ALA B 149 -6.42 -18.90 4.40
C ALA B 149 -6.92 -20.29 3.99
N THR B 150 -8.21 -20.41 3.69
CA THR B 150 -8.76 -21.69 3.29
C THR B 150 -8.15 -22.17 1.98
N ASP B 151 -7.89 -21.25 1.05
CA ASP B 151 -7.28 -21.63 -0.22
C ASP B 151 -5.88 -22.19 -0.02
N ILE B 152 -5.13 -21.65 0.95
CA ILE B 152 -3.79 -22.13 1.20
C ILE B 152 -3.83 -23.57 1.70
N GLN B 153 -4.83 -23.91 2.52
CA GLN B 153 -4.91 -25.27 3.05
C GLN B 153 -5.14 -26.28 1.95
N THR B 154 -5.78 -25.87 0.85
CA THR B 154 -5.99 -26.76 -0.30
C THR B 154 -4.89 -26.52 -1.33
N LYS B 155 -3.67 -26.88 -0.91
CA LYS B 155 -2.49 -26.72 -1.75
C LYS B 155 -1.54 -27.89 -1.53
N GLN C 1 -12.94 11.16 26.55
CA GLN C 1 -11.49 11.03 26.37
C GLN C 1 -11.25 10.43 25.00
N ASN C 2 -12.23 10.64 24.11
CA ASN C 2 -12.12 10.15 22.74
C ASN C 2 -11.15 10.99 21.93
N PHE C 3 -10.99 12.26 22.29
CA PHE C 3 -10.20 13.19 21.51
C PHE C 3 -8.82 13.40 22.10
N ARG C 4 -7.86 13.67 21.22
CA ARG C 4 -6.50 14.07 21.55
CA ARG C 4 -6.55 14.13 21.62
C ARG C 4 -6.16 15.27 20.69
N VAL C 5 -5.37 16.20 21.23
CA VAL C 5 -5.03 17.42 20.52
C VAL C 5 -3.52 17.55 20.42
N TYR C 6 -3.04 17.88 19.23
CA TYR C 6 -1.65 18.21 18.98
C TYR C 6 -1.60 19.63 18.47
N TYR C 7 -0.65 20.41 18.96
CA TYR C 7 -0.72 21.85 18.78
C TYR C 7 0.66 22.47 18.68
N ARG C 8 0.68 23.75 18.30
CA ARG C 8 1.87 24.59 18.34
C ARG C 8 1.58 25.72 19.31
N ASP C 9 2.49 25.92 20.26
CA ASP C 9 2.28 26.92 21.30
C ASP C 9 2.50 28.33 20.78
N SER C 10 3.68 28.60 20.22
CA SER C 10 4.00 29.94 19.76
C SER C 10 4.59 29.88 18.35
N ARG C 11 5.51 30.79 18.04
CA ARG C 11 6.22 30.71 16.75
C ARG C 11 7.22 29.57 16.75
N ASP C 12 7.15 28.72 17.76
CA ASP C 12 7.97 27.50 17.83
C ASP C 12 7.42 26.52 16.80
N PRO C 13 8.22 26.12 15.80
CA PRO C 13 7.68 25.24 14.75
C PRO C 13 7.47 23.80 15.22
N VAL C 14 7.94 23.44 16.40
CA VAL C 14 7.86 22.06 16.88
C VAL C 14 6.46 21.82 17.43
N TRP C 15 5.69 20.97 16.76
CA TRP C 15 4.37 20.61 17.22
C TRP C 15 4.45 19.87 18.56
N LYS C 16 3.44 20.10 19.40
CA LYS C 16 3.39 19.56 20.74
C LYS C 16 2.13 18.71 20.92
N GLY C 17 2.14 17.90 21.96
CA GLY C 17 1.06 16.99 22.23
C GLY C 17 1.59 15.62 22.57
N PRO C 18 0.70 14.69 22.92
CA PRO C 18 -0.76 14.80 22.94
C PRO C 18 -1.30 15.61 24.12
N ALA C 19 -2.44 16.28 23.93
CA ALA C 19 -3.08 17.06 24.96
C ALA C 19 -4.57 16.72 25.00
N LYS C 20 -5.17 16.90 26.18
CA LYS C 20 -6.60 16.66 26.34
C LYS C 20 -7.38 17.88 25.87
N LEU C 21 -8.56 17.62 25.29
CA LEU C 21 -9.41 18.68 24.76
C LEU C 21 -10.45 19.07 25.81
N LEU C 22 -10.44 20.34 26.22
CA LEU C 22 -11.44 20.85 27.15
C LEU C 22 -12.61 21.47 26.42
N GLU C 23 -12.34 22.30 25.41
CA GLU C 23 -13.39 22.87 24.59
C GLU C 23 -12.81 23.32 23.25
N LYS C 24 -13.64 23.24 22.22
CA LYS C 24 -13.33 23.69 20.87
C LYS C 24 -14.30 24.81 20.50
N GLY C 25 -13.79 26.05 20.46
CA GLY C 25 -14.58 27.18 20.04
C GLY C 25 -14.39 27.49 18.57
N GLU C 26 -15.09 28.53 18.11
CA GLU C 26 -15.00 28.92 16.71
C GLU C 26 -13.57 29.32 16.33
N GLY C 27 -12.91 30.10 17.19
CA GLY C 27 -11.59 30.61 16.87
C GLY C 27 -10.47 30.11 17.76
N ALA C 28 -10.80 29.38 18.82
CA ALA C 28 -9.78 28.91 19.75
C ALA C 28 -10.21 27.58 20.35
N VAL C 29 -9.21 26.82 20.82
CA VAL C 29 -9.42 25.54 21.46
C VAL C 29 -8.71 25.58 22.81
N VAL C 30 -9.42 25.19 23.86
CA VAL C 30 -8.85 25.07 25.20
C VAL C 30 -8.44 23.63 25.43
N ILE C 31 -7.18 23.43 25.84
CA ILE C 31 -6.60 22.11 25.97
C ILE C 31 -5.83 22.03 27.28
N GLN C 32 -5.38 20.83 27.62
CA GLN C 32 -4.60 20.59 28.83
C GLN C 32 -3.51 19.59 28.51
N ASP C 33 -2.28 20.07 28.41
CA ASP C 33 -1.10 19.23 28.21
C ASP C 33 -0.45 19.00 29.56
N ASN C 34 -0.29 17.73 29.95
CA ASN C 34 0.14 17.38 31.30
C ASN C 34 -0.79 18.02 32.32
N SER C 35 -0.34 19.09 32.98
CA SER C 35 -1.17 19.80 33.96
C SER C 35 -1.52 21.22 33.57
N ASP C 36 -0.79 21.82 32.63
CA ASP C 36 -1.03 23.22 32.26
C ASP C 36 -2.14 23.29 31.22
N ILE C 37 -3.15 24.13 31.51
CA ILE C 37 -4.20 24.40 30.54
C ILE C 37 -3.73 25.50 29.61
N LYS C 38 -4.13 25.40 28.34
CA LYS C 38 -3.68 26.34 27.32
C LYS C 38 -4.83 26.62 26.37
N VAL C 39 -4.87 27.85 25.86
CA VAL C 39 -5.82 28.24 24.82
C VAL C 39 -5.01 28.46 23.55
N VAL C 40 -5.29 27.67 22.52
CA VAL C 40 -4.52 27.65 21.28
C VAL C 40 -5.41 28.12 20.16
N PRO C 41 -4.94 29.01 19.28
CA PRO C 41 -5.73 29.36 18.09
C PRO C 41 -6.07 28.10 17.29
N ARG C 42 -7.30 28.06 16.78
CA ARG C 42 -7.79 26.86 16.11
C ARG C 42 -6.87 26.39 14.99
N ARG C 43 -6.24 27.33 14.26
CA ARG C 43 -5.41 26.88 13.15
C ARG C 43 -4.13 26.22 13.63
N LYS C 44 -3.76 26.41 14.90
CA LYS C 44 -2.54 25.84 15.46
C LYS C 44 -2.82 24.57 16.27
N ALA C 45 -3.97 23.95 16.07
CA ALA C 45 -4.35 22.76 16.80
C ALA C 45 -4.94 21.72 15.85
N LYS C 46 -4.53 20.47 16.03
CA LYS C 46 -5.08 19.34 15.28
C LYS C 46 -5.82 18.47 16.29
N ILE C 47 -7.14 18.39 16.16
CA ILE C 47 -7.97 17.59 17.04
C ILE C 47 -8.21 16.24 16.38
N ILE C 48 -7.78 15.18 17.05
CA ILE C 48 -7.85 13.82 16.52
C ILE C 48 -8.71 13.00 17.47
N ARG C 49 -9.71 12.33 16.93
CA ARG C 49 -10.51 11.39 17.71
C ARG C 49 -10.11 9.95 17.37
N ASP C 50 -10.34 9.05 18.32
CA ASP C 50 -10.01 7.64 18.11
C ASP C 50 -11.10 6.94 17.31
N TYR C 51 -11.49 7.55 16.17
CA TYR C 51 -12.62 7.04 15.39
C TYR C 51 -12.31 5.69 14.79
N GLY C 52 -11.10 5.53 14.21
CA GLY C 52 -10.72 4.24 13.68
C GLY C 52 -10.78 3.15 14.73
N LYS C 53 -10.25 3.44 15.92
CA LYS C 53 -10.27 2.46 17.01
C LYS C 53 -11.70 2.02 17.31
N GLN C 54 -12.63 2.97 17.35
CA GLN C 54 -14.01 2.65 17.71
C GLN C 54 -14.71 1.76 16.68
N MET C 55 -14.12 1.57 15.50
CA MET C 55 -14.64 0.64 14.50
C MET C 55 -13.83 -0.65 14.64
N ALA C 56 -14.41 -1.61 15.37
CA ALA C 56 -13.78 -2.91 15.62
C ALA C 56 -12.54 -2.73 16.52
N GLN D 1 11.11 -18.42 -18.20
CA GLN D 1 11.87 -17.25 -18.60
C GLN D 1 11.34 -16.60 -19.89
N ASN D 2 10.04 -16.69 -20.14
CA ASN D 2 9.46 -16.06 -21.31
C ASN D 2 9.44 -14.54 -21.16
N PHE D 3 10.00 -13.85 -22.14
CA PHE D 3 10.09 -12.40 -22.14
C PHE D 3 8.99 -11.84 -23.06
N ARG D 4 8.53 -10.64 -22.73
CA ARG D 4 7.63 -9.89 -23.59
C ARG D 4 8.18 -8.47 -23.72
N VAL D 5 8.02 -7.90 -24.90
CA VAL D 5 8.60 -6.60 -25.22
C VAL D 5 7.48 -5.63 -25.58
N TYR D 6 7.56 -4.43 -25.03
CA TYR D 6 6.71 -3.30 -25.38
C TYR D 6 7.61 -2.20 -25.91
N TYR D 7 7.20 -1.56 -26.99
CA TYR D 7 8.11 -0.70 -27.74
C TYR D 7 7.36 0.43 -28.41
N ARG D 8 8.14 1.41 -28.88
CA ARG D 8 7.64 2.49 -29.72
C ARG D 8 8.41 2.48 -31.03
N ASP D 9 7.72 2.60 -32.14
CA ASP D 9 8.39 2.76 -33.42
C ASP D 9 8.89 4.20 -33.54
N SER D 10 9.94 4.38 -34.34
CA SER D 10 10.52 5.71 -34.50
C SER D 10 9.46 6.68 -34.98
N ARG D 11 9.48 7.89 -34.43
CA ARG D 11 8.58 8.97 -34.85
C ARG D 11 7.11 8.62 -34.60
N ASP D 12 6.84 7.59 -33.79
CA ASP D 12 5.48 7.22 -33.41
C ASP D 12 5.39 7.17 -31.89
N PRO D 13 4.60 8.03 -31.25
CA PRO D 13 4.56 8.05 -29.78
C PRO D 13 3.75 6.92 -29.15
N VAL D 14 3.02 6.14 -29.94
CA VAL D 14 2.10 5.14 -29.40
C VAL D 14 2.90 3.89 -29.01
N TRP D 15 2.94 3.58 -27.72
CA TRP D 15 3.60 2.37 -27.28
C TRP D 15 2.85 1.15 -27.84
N LYS D 16 3.60 0.13 -28.23
CA LYS D 16 3.05 -1.06 -28.84
C LYS D 16 3.48 -2.30 -28.07
N GLY D 17 2.78 -3.39 -28.33
CA GLY D 17 3.03 -4.65 -27.65
C GLY D 17 1.73 -5.29 -27.19
N PRO D 18 1.83 -6.51 -26.64
CA PRO D 18 3.06 -7.26 -26.35
C PRO D 18 3.71 -7.85 -27.59
N ALA D 19 5.04 -7.97 -27.59
CA ALA D 19 5.78 -8.55 -28.69
C ALA D 19 6.79 -9.54 -28.14
N LYS D 20 7.13 -10.54 -28.95
CA LYS D 20 8.10 -11.55 -28.54
C LYS D 20 9.52 -11.06 -28.79
N LEU D 21 10.43 -11.48 -27.92
CA LEU D 21 11.84 -11.10 -28.02
C LEU D 21 12.59 -12.19 -28.79
N LEU D 22 13.20 -11.81 -29.91
CA LEU D 22 14.02 -12.72 -30.70
C LEU D 22 15.50 -12.62 -30.35
N GLU D 23 16.01 -11.40 -30.19
CA GLU D 23 17.39 -11.18 -29.81
C GLU D 23 17.48 -9.81 -29.13
N LYS D 24 18.39 -9.70 -28.17
CA LYS D 24 18.66 -8.44 -27.48
C LYS D 24 20.13 -8.08 -27.72
N GLY D 25 20.38 -7.07 -28.54
CA GLY D 25 21.72 -6.59 -28.78
C GLY D 25 22.11 -5.43 -27.88
N GLU D 26 23.35 -4.98 -28.05
CA GLU D 26 23.84 -3.86 -27.25
C GLU D 26 23.03 -2.59 -27.51
N GLY D 27 22.77 -2.30 -28.78
CA GLY D 27 22.11 -1.08 -29.17
C GLY D 27 20.75 -1.31 -29.81
N ALA D 28 20.39 -2.57 -30.05
CA ALA D 28 19.14 -2.87 -30.72
C ALA D 28 18.58 -4.19 -30.20
N VAL D 29 17.26 -4.33 -30.34
CA VAL D 29 16.54 -5.54 -29.94
C VAL D 29 15.68 -5.98 -31.13
N VAL D 30 15.76 -7.25 -31.48
CA VAL D 30 14.96 -7.84 -32.54
C VAL D 30 13.75 -8.49 -31.90
N ILE D 31 12.55 -8.17 -32.40
CA ILE D 31 11.29 -8.60 -31.80
C ILE D 31 10.33 -9.03 -32.90
N GLN D 32 9.19 -9.58 -32.47
CA GLN D 32 8.14 -10.04 -33.38
C GLN D 32 6.79 -9.66 -32.79
N ASP D 33 6.14 -8.66 -33.39
CA ASP D 33 4.79 -8.26 -33.03
C ASP D 33 3.84 -8.90 -34.04
N ASN D 34 2.90 -9.72 -33.53
CA ASN D 34 2.06 -10.53 -34.41
C ASN D 34 2.95 -11.37 -35.30
N SER D 35 3.09 -11.00 -36.57
CA SER D 35 3.97 -11.69 -37.50
C SER D 35 5.13 -10.84 -37.99
N ASP D 36 5.06 -9.52 -37.82
CA ASP D 36 6.09 -8.63 -38.33
C ASP D 36 7.27 -8.58 -37.38
N ILE D 37 8.47 -8.87 -37.92
CA ILE D 37 9.71 -8.75 -37.16
C ILE D 37 10.20 -7.31 -37.27
N LYS D 38 10.79 -6.81 -36.18
CA LYS D 38 11.25 -5.43 -36.11
C LYS D 38 12.56 -5.34 -35.35
N VAL D 39 13.39 -4.39 -35.75
CA VAL D 39 14.60 -4.03 -35.04
C VAL D 39 14.38 -2.67 -34.41
N VAL D 40 14.38 -2.62 -33.08
CA VAL D 40 14.05 -1.42 -32.32
C VAL D 40 15.30 -1.01 -31.53
N PRO D 41 15.68 0.27 -31.53
CA PRO D 41 16.77 0.69 -30.66
C PRO D 41 16.49 0.31 -29.21
N ARG D 42 17.53 -0.15 -28.52
CA ARG D 42 17.37 -0.66 -27.16
C ARG D 42 16.65 0.33 -26.27
N ARG D 43 16.85 1.63 -26.49
CA ARG D 43 16.23 2.67 -25.68
C ARG D 43 14.74 2.82 -25.95
N LYS D 44 14.22 2.27 -27.04
CA LYS D 44 12.81 2.37 -27.37
C LYS D 44 12.05 1.08 -27.07
N ALA D 45 12.60 0.22 -26.23
CA ALA D 45 12.01 -1.08 -25.93
C ALA D 45 12.07 -1.36 -24.44
N LYS D 46 10.97 -1.88 -23.90
CA LYS D 46 10.91 -2.33 -22.51
C LYS D 46 10.74 -3.84 -22.53
N ILE D 47 11.75 -4.55 -22.07
CA ILE D 47 11.72 -6.02 -22.03
C ILE D 47 11.25 -6.43 -20.63
N ILE D 48 10.17 -7.21 -20.58
CA ILE D 48 9.53 -7.59 -19.33
C ILE D 48 9.60 -9.10 -19.20
N ARG D 49 10.22 -9.57 -18.12
CA ARG D 49 10.30 -10.98 -17.80
CA ARG D 49 10.31 -10.98 -17.78
C ARG D 49 9.20 -11.34 -16.80
N ASP D 50 8.62 -12.53 -16.97
CA ASP D 50 7.57 -12.99 -16.06
C ASP D 50 8.18 -13.44 -14.74
N TYR D 51 9.06 -12.64 -14.13
CA TYR D 51 9.82 -13.07 -12.92
C TYR D 51 8.89 -13.32 -11.75
N GLY D 52 8.01 -12.37 -11.46
CA GLY D 52 7.04 -12.54 -10.37
C GLY D 52 6.26 -13.82 -10.51
N LYS D 53 5.66 -14.07 -11.66
CA LYS D 53 4.82 -15.27 -11.88
C LYS D 53 5.63 -16.53 -11.52
N GLN D 54 6.90 -16.57 -11.93
CA GLN D 54 7.79 -17.72 -11.64
C GLN D 54 7.99 -17.85 -10.13
N MET D 55 8.02 -16.73 -9.38
CA MET D 55 8.07 -16.77 -7.90
C MET D 55 6.66 -17.17 -7.42
N ALA D 56 6.41 -18.46 -7.27
CA ALA D 56 5.10 -19.00 -6.81
C ALA D 56 4.13 -19.02 -7.97
N GLY D 57 3.98 -20.18 -8.61
CA GLY D 57 2.97 -20.31 -9.68
C GLY D 57 1.60 -20.22 -9.06
#